data_2KJ7
#
_entry.id   2KJ7
#
_cell.length_a   1.000
_cell.length_b   1.000
_cell.length_c   1.000
_cell.angle_alpha   90.00
_cell.angle_beta   90.00
_cell.angle_gamma   90.00
#
_symmetry.space_group_name_H-M   'P 1'
#
_entity_poly.entity_id   1
_entity_poly.type   'polypeptide(L)'
_entity_poly.pdbx_seq_one_letter_code
;KCNTATCATQRLANFLVRSSNNLGPVLPPTNVGSNTY(NH2)
;
_entity_poly.pdbx_strand_id   A
#
loop_
_chem_comp.id
_chem_comp.type
_chem_comp.name
_chem_comp.formula
NH2 non-polymer 'AMINO GROUP' 'H2 N'
#
# COMPACT_ATOMS: atom_id res chain seq x y z
N LYS A 1 -15.47 1.83 -15.12
CA LYS A 1 -16.15 1.62 -13.80
C LYS A 1 -17.61 1.23 -14.01
N CYS A 2 -18.28 0.81 -12.97
CA CYS A 2 -19.72 0.41 -13.11
C CYS A 2 -20.61 1.60 -12.76
N ASN A 3 -20.44 2.15 -11.59
CA ASN A 3 -21.27 3.30 -11.17
C ASN A 3 -20.38 4.35 -10.48
N THR A 4 -19.53 3.92 -9.58
CA THR A 4 -18.64 4.88 -8.87
C THR A 4 -17.18 4.53 -9.15
N ALA A 5 -16.28 5.01 -8.35
CA ALA A 5 -14.83 4.71 -8.56
C ALA A 5 -14.47 3.36 -7.97
N THR A 6 -14.94 3.09 -6.79
CA THR A 6 -14.60 1.81 -6.11
C THR A 6 -14.89 0.60 -7.02
N CYS A 7 -16.04 0.53 -7.64
CA CYS A 7 -16.27 -0.63 -8.53
C CYS A 7 -15.06 -0.78 -9.45
N ALA A 8 -14.63 0.33 -10.00
CA ALA A 8 -13.45 0.34 -10.90
C ALA A 8 -12.17 0.21 -10.07
N THR A 9 -12.07 1.08 -9.12
CA THR A 9 -10.90 1.14 -8.22
C THR A 9 -10.75 -0.17 -7.42
N GLN A 10 -11.77 -0.95 -7.36
CA GLN A 10 -11.66 -2.21 -6.58
C GLN A 10 -10.40 -2.96 -7.02
N ARG A 11 -10.05 -2.85 -8.28
CA ARG A 11 -8.82 -3.55 -8.76
C ARG A 11 -7.57 -2.71 -8.43
N LEU A 12 -7.58 -1.44 -8.69
CA LEU A 12 -6.39 -0.60 -8.38
C LEU A 12 -6.31 -0.35 -6.91
N ALA A 13 -7.39 -0.45 -6.21
CA ALA A 13 -7.32 -0.25 -4.77
C ALA A 13 -6.08 -0.94 -4.27
N ASN A 14 -5.88 -2.09 -4.82
CA ASN A 14 -4.70 -2.92 -4.52
C ASN A 14 -3.43 -2.13 -4.81
N PHE A 15 -3.39 -1.55 -5.97
CA PHE A 15 -2.23 -0.75 -6.41
C PHE A 15 -1.92 0.32 -5.36
N LEU A 16 -2.94 0.83 -4.75
CA LEU A 16 -2.77 1.89 -3.74
C LEU A 16 -2.66 1.34 -2.32
N VAL A 17 -3.57 0.50 -1.94
CA VAL A 17 -3.51 -0.06 -0.56
C VAL A 17 -2.20 -0.83 -0.42
N ARG A 18 -1.77 -1.45 -1.49
CA ARG A 18 -0.50 -2.18 -1.46
C ARG A 18 0.65 -1.17 -1.60
N SER A 19 0.37 -0.06 -2.24
CA SER A 19 1.41 1.00 -2.41
C SER A 19 1.99 1.39 -1.04
N SER A 20 1.26 1.14 0.01
CA SER A 20 1.75 1.49 1.36
C SER A 20 2.96 0.64 1.72
N ASN A 21 3.27 -0.35 0.91
CA ASN A 21 4.45 -1.21 1.19
C ASN A 21 5.71 -0.35 1.38
N ASN A 22 6.01 0.48 0.41
CA ASN A 22 7.21 1.35 0.53
C ASN A 22 7.11 2.25 1.76
N LEU A 23 5.98 2.89 1.93
CA LEU A 23 5.81 3.77 3.13
C LEU A 23 6.20 3.01 4.40
N GLY A 24 5.70 1.82 4.56
CA GLY A 24 6.04 1.01 5.76
C GLY A 24 5.91 1.89 7.01
N PRO A 25 4.70 2.23 7.33
CA PRO A 25 4.43 3.08 8.52
C PRO A 25 5.00 2.41 9.76
N VAL A 26 5.13 1.11 9.74
CA VAL A 26 5.70 0.40 10.92
C VAL A 26 6.64 -0.72 10.46
N LEU A 27 7.49 -1.19 11.34
CA LEU A 27 8.44 -2.27 10.95
C LEU A 27 8.99 -2.96 12.20
N PRO A 28 8.38 -4.07 12.53
CA PRO A 28 8.80 -4.85 13.71
C PRO A 28 10.24 -5.36 13.52
N PRO A 29 10.55 -5.78 12.32
CA PRO A 29 11.90 -6.31 12.05
C PRO A 29 12.96 -5.49 12.77
N THR A 30 13.15 -4.26 12.38
CA THR A 30 14.18 -3.41 13.04
C THR A 30 14.24 -2.03 12.36
N ASN A 31 14.84 -1.06 13.01
CA ASN A 31 14.94 0.29 12.40
C ASN A 31 16.28 0.93 12.74
N VAL A 32 17.30 0.15 12.95
CA VAL A 32 18.64 0.72 13.29
C VAL A 32 19.71 0.16 12.35
N GLY A 33 19.44 -0.93 11.69
CA GLY A 33 20.45 -1.52 10.77
C GLY A 33 19.85 -1.68 9.38
N SER A 34 19.65 -0.60 8.68
CA SER A 34 19.06 -0.69 7.31
C SER A 34 20.04 -0.12 6.28
N ASN A 35 21.27 0.10 6.68
CA ASN A 35 22.28 0.65 5.72
C ASN A 35 23.54 -0.23 5.70
N THR A 36 23.68 -1.10 6.66
CA THR A 36 24.89 -1.98 6.68
C THR A 36 24.48 -3.44 6.94
N TYR A 37 24.13 -3.76 8.15
CA TYR A 37 23.72 -5.17 8.46
C TYR A 37 22.26 -5.21 8.91
N NH2 A 38 21.31 -5.00 8.03
HN1 NH2 A 38 21.54 -4.81 7.10
HN2 NH2 A 38 20.37 -5.03 8.32
N LYS A 1 -15.36 0.59 -15.01
CA LYS A 1 -16.20 1.08 -13.88
C LYS A 1 -17.66 0.71 -14.12
N CYS A 2 -18.17 -0.25 -13.39
CA CYS A 2 -19.60 -0.66 -13.60
C CYS A 2 -20.54 0.45 -13.10
N ASN A 3 -20.18 1.12 -12.04
CA ASN A 3 -21.07 2.20 -11.52
C ASN A 3 -20.23 3.39 -11.04
N THR A 4 -19.52 3.25 -9.95
CA THR A 4 -18.69 4.39 -9.45
C THR A 4 -17.20 4.07 -9.55
N ALA A 5 -16.38 4.75 -8.79
CA ALA A 5 -14.91 4.50 -8.86
C ALA A 5 -14.56 3.20 -8.17
N THR A 6 -15.04 3.00 -6.98
CA THR A 6 -14.69 1.76 -6.23
C THR A 6 -14.94 0.52 -7.08
N CYS A 7 -16.06 0.42 -7.74
CA CYS A 7 -16.28 -0.79 -8.59
C CYS A 7 -15.04 -0.95 -9.48
N ALA A 8 -14.61 0.12 -10.09
CA ALA A 8 -13.39 0.08 -10.94
C ALA A 8 -12.15 0.03 -10.07
N THR A 9 -12.08 0.98 -9.19
CA THR A 9 -10.94 1.10 -8.25
C THR A 9 -10.77 -0.19 -7.45
N GLN A 10 -11.78 -1.00 -7.43
CA GLN A 10 -11.66 -2.26 -6.64
C GLN A 10 -10.36 -2.95 -7.04
N ARG A 11 -9.95 -2.82 -8.28
CA ARG A 11 -8.68 -3.47 -8.71
C ARG A 11 -7.48 -2.58 -8.36
N LEU A 12 -7.55 -1.30 -8.62
CA LEU A 12 -6.39 -0.41 -8.28
C LEU A 12 -6.35 -0.15 -6.81
N ALA A 13 -7.44 -0.29 -6.14
CA ALA A 13 -7.40 -0.06 -4.68
C ALA A 13 -6.14 -0.70 -4.16
N ASN A 14 -5.89 -1.85 -4.70
CA ASN A 14 -4.68 -2.63 -4.37
C ASN A 14 -3.43 -1.82 -4.67
N PHE A 15 -3.41 -1.24 -5.84
CA PHE A 15 -2.27 -0.42 -6.28
C PHE A 15 -1.99 0.66 -5.25
N LEU A 16 -3.02 1.13 -4.63
CA LEU A 16 -2.87 2.19 -3.61
C LEU A 16 -2.77 1.65 -2.19
N VAL A 17 -3.65 0.76 -1.81
CA VAL A 17 -3.58 0.22 -0.44
C VAL A 17 -2.33 -0.63 -0.30
N ARG A 18 -1.95 -1.30 -1.35
CA ARG A 18 -0.72 -2.12 -1.31
C ARG A 18 0.47 -1.16 -1.44
N SER A 19 0.21 0.02 -1.96
CA SER A 19 1.30 1.02 -2.11
C SER A 19 2.03 1.19 -0.78
N SER A 20 1.36 0.90 0.31
CA SER A 20 2.00 1.04 1.64
C SER A 20 3.31 0.24 1.69
N ASN A 21 3.46 -0.72 0.81
CA ASN A 21 4.70 -1.55 0.81
C ASN A 21 5.93 -0.64 1.00
N ASN A 22 6.23 0.17 0.03
CA ASN A 22 7.41 1.07 0.15
C ASN A 22 7.16 2.11 1.25
N LEU A 23 5.93 2.47 1.46
CA LEU A 23 5.62 3.49 2.52
C LEU A 23 6.21 3.04 3.86
N GLY A 24 5.73 1.97 4.41
CA GLY A 24 6.27 1.49 5.71
C GLY A 24 6.02 2.55 6.78
N PRO A 25 4.82 2.57 7.27
CA PRO A 25 4.45 3.55 8.33
C PRO A 25 5.42 3.46 9.51
N VAL A 26 6.04 4.55 9.86
CA VAL A 26 7.01 4.52 11.00
C VAL A 26 8.28 3.76 10.61
N LEU A 27 8.13 2.53 10.18
CA LEU A 27 9.33 1.73 9.78
C LEU A 27 10.18 1.41 11.00
N PRO A 28 10.03 0.20 11.49
CA PRO A 28 10.80 -0.25 12.67
C PRO A 28 12.29 -0.23 12.35
N PRO A 29 12.64 -0.67 11.17
CA PRO A 29 14.05 -0.70 10.79
C PRO A 29 14.76 0.58 11.22
N THR A 30 15.91 0.46 11.83
CA THR A 30 16.65 1.69 12.28
C THR A 30 17.60 2.15 11.18
N ASN A 31 18.49 3.06 11.50
CA ASN A 31 19.45 3.56 10.49
C ASN A 31 20.63 4.25 11.17
N VAL A 32 21.84 3.91 10.78
CA VAL A 32 23.03 4.56 11.41
C VAL A 32 23.43 5.81 10.63
N GLY A 33 23.71 5.66 9.37
CA GLY A 33 24.10 6.85 8.56
C GLY A 33 22.85 7.60 8.11
N SER A 34 22.79 8.88 8.42
CA SER A 34 21.59 9.67 8.02
C SER A 34 21.52 9.79 6.50
N ASN A 35 22.54 9.36 5.81
CA ASN A 35 22.53 9.45 4.32
C ASN A 35 23.22 8.22 3.72
N THR A 36 22.96 7.06 4.25
CA THR A 36 23.59 5.83 3.71
C THR A 36 22.74 5.24 2.58
N TYR A 37 21.62 4.66 2.91
CA TYR A 37 20.75 4.08 1.85
C TYR A 37 20.41 5.13 0.80
N NH2 A 38 20.12 4.76 -0.42
HN1 NH2 A 38 20.11 3.81 -0.65
HN2 NH2 A 38 19.90 5.43 -1.10
N LYS A 1 -15.71 1.95 -16.60
CA LYS A 1 -16.44 2.58 -15.47
C LYS A 1 -17.78 1.86 -15.23
N CYS A 2 -17.73 0.61 -14.87
CA CYS A 2 -19.00 -0.15 -14.62
C CYS A 2 -20.04 0.73 -13.92
N ASN A 3 -19.69 1.30 -12.79
CA ASN A 3 -20.68 2.15 -12.06
C ASN A 3 -19.99 3.39 -11.46
N THR A 4 -19.26 3.22 -10.39
CA THR A 4 -18.58 4.39 -9.76
C THR A 4 -17.06 4.15 -9.74
N ALA A 5 -16.36 4.78 -8.84
CA ALA A 5 -14.88 4.57 -8.79
C ALA A 5 -14.56 3.24 -8.13
N THR A 6 -15.04 3.01 -6.94
CA THR A 6 -14.74 1.73 -6.25
C THR A 6 -15.04 0.55 -7.18
N CYS A 7 -16.15 0.56 -7.86
CA CYS A 7 -16.42 -0.55 -8.80
C CYS A 7 -15.17 -0.75 -9.66
N ALA A 8 -14.68 0.33 -10.21
CA ALA A 8 -13.44 0.27 -11.05
C ALA A 8 -12.22 0.14 -10.15
N THR A 9 -12.13 1.06 -9.23
CA THR A 9 -11.01 1.12 -8.27
C THR A 9 -10.89 -0.19 -7.50
N GLN A 10 -11.91 -0.99 -7.51
CA GLN A 10 -11.83 -2.26 -6.77
C GLN A 10 -10.53 -2.97 -7.16
N ARG A 11 -10.10 -2.81 -8.37
CA ARG A 11 -8.83 -3.47 -8.80
C ARG A 11 -7.62 -2.62 -8.37
N LEU A 12 -7.65 -1.34 -8.60
CA LEU A 12 -6.48 -0.49 -8.20
C LEU A 12 -6.48 -0.27 -6.72
N ALA A 13 -7.58 -0.41 -6.08
CA ALA A 13 -7.57 -0.24 -4.61
C ALA A 13 -6.36 -0.94 -4.09
N ASN A 14 -6.07 -2.02 -4.72
CA ASN A 14 -4.90 -2.84 -4.39
C ASN A 14 -3.62 -2.07 -4.69
N PHE A 15 -3.58 -1.46 -5.84
CA PHE A 15 -2.39 -0.67 -6.28
C PHE A 15 -2.05 0.37 -5.23
N LEU A 16 -3.03 0.91 -4.60
CA LEU A 16 -2.81 1.96 -3.58
C LEU A 16 -2.59 1.39 -2.19
N VAL A 17 -3.51 0.60 -1.72
CA VAL A 17 -3.33 0.02 -0.37
C VAL A 17 -2.02 -0.76 -0.35
N ARG A 18 -1.68 -1.34 -1.46
CA ARG A 18 -0.40 -2.08 -1.56
C ARG A 18 0.76 -1.07 -1.63
N SER A 19 0.46 0.16 -1.93
CA SER A 19 1.52 1.20 -2.01
C SER A 19 2.22 1.36 -0.67
N SER A 20 1.59 0.93 0.39
CA SER A 20 2.20 1.06 1.74
C SER A 20 3.56 0.35 1.80
N ASN A 21 3.71 -0.74 1.10
CA ASN A 21 5.01 -1.46 1.14
C ASN A 21 6.17 -0.46 1.06
N ASN A 22 6.06 0.53 0.23
CA ASN A 22 7.16 1.53 0.11
C ASN A 22 7.21 2.41 1.36
N LEU A 23 6.07 2.65 1.97
CA LEU A 23 6.06 3.50 3.20
C LEU A 23 7.01 2.93 4.25
N GLY A 24 6.69 1.79 4.79
CA GLY A 24 7.58 1.17 5.81
C GLY A 24 7.20 1.71 7.20
N PRO A 25 6.12 1.19 7.73
CA PRO A 25 5.65 1.61 9.07
C PRO A 25 6.72 1.32 10.12
N VAL A 26 7.22 2.34 10.79
CA VAL A 26 8.26 2.14 11.84
C VAL A 26 9.19 0.97 11.47
N LEU A 27 10.22 1.24 10.71
CA LEU A 27 11.15 0.15 10.31
C LEU A 27 12.35 0.08 11.27
N PRO A 28 12.97 1.22 11.49
CA PRO A 28 14.15 1.27 12.40
C PRO A 28 13.75 0.88 13.81
N PRO A 29 12.62 1.39 14.25
CA PRO A 29 12.14 1.09 15.60
C PRO A 29 12.36 -0.39 15.94
N THR A 30 13.01 -0.66 17.05
CA THR A 30 13.25 -2.08 17.44
C THR A 30 11.95 -2.70 17.99
N ASN A 31 11.71 -3.95 17.70
CA ASN A 31 10.48 -4.62 18.20
C ASN A 31 10.28 -4.32 19.69
N VAL A 32 9.06 -4.32 20.15
CA VAL A 32 8.80 -4.03 21.59
C VAL A 32 8.85 -5.33 22.41
N GLY A 33 8.83 -6.45 21.77
CA GLY A 33 8.88 -7.74 22.51
C GLY A 33 9.09 -8.90 21.53
N SER A 34 10.15 -9.63 21.69
CA SER A 34 10.41 -10.77 20.77
C SER A 34 10.68 -12.04 21.57
N ASN A 35 11.77 -12.07 22.29
CA ASN A 35 12.10 -13.29 23.09
C ASN A 35 12.24 -12.91 24.57
N THR A 36 11.86 -11.72 24.93
CA THR A 36 11.97 -11.29 26.35
C THR A 36 10.82 -10.35 26.71
N TYR A 37 10.33 -10.42 27.92
CA TYR A 37 9.21 -9.54 28.33
C TYR A 37 9.73 -8.13 28.65
N NH2 A 38 11.01 -7.96 28.86
HN1 NH2 A 38 11.62 -8.73 28.81
HN2 NH2 A 38 11.35 -7.07 29.06
N LYS A 1 -24.96 1.72 -11.36
CA LYS A 1 -24.83 0.79 -10.19
C LYS A 1 -23.38 0.75 -9.71
N CYS A 2 -22.52 0.14 -10.48
CA CYS A 2 -21.09 0.06 -10.07
C CYS A 2 -20.28 1.14 -10.78
N ASN A 3 -20.93 2.02 -11.48
CA ASN A 3 -20.20 3.10 -12.20
C ASN A 3 -19.29 3.86 -11.24
N THR A 4 -19.51 3.73 -9.96
CA THR A 4 -18.65 4.45 -8.97
C THR A 4 -17.18 4.10 -9.21
N ALA A 5 -16.28 4.89 -8.69
CA ALA A 5 -14.83 4.60 -8.90
C ALA A 5 -14.42 3.33 -8.16
N THR A 6 -14.84 3.19 -6.94
CA THR A 6 -14.45 2.01 -6.15
C THR A 6 -14.75 0.73 -6.93
N CYS A 7 -15.87 0.62 -7.57
CA CYS A 7 -16.13 -0.61 -8.37
C CYS A 7 -14.95 -0.81 -9.31
N ALA A 8 -14.54 0.25 -9.96
CA ALA A 8 -13.37 0.19 -10.88
C ALA A 8 -12.08 0.12 -10.06
N THR A 9 -11.96 1.07 -9.19
CA THR A 9 -10.79 1.19 -8.29
C THR A 9 -10.64 -0.11 -7.50
N GLN A 10 -11.65 -0.91 -7.45
CA GLN A 10 -11.53 -2.16 -6.67
C GLN A 10 -10.25 -2.88 -7.10
N ARG A 11 -9.88 -2.74 -8.35
CA ARG A 11 -8.64 -3.41 -8.84
C ARG A 11 -7.41 -2.57 -8.46
N LEU A 12 -7.43 -1.28 -8.72
CA LEU A 12 -6.25 -0.43 -8.35
C LEU A 12 -6.22 -0.21 -6.88
N ALA A 13 -7.31 -0.34 -6.23
CA ALA A 13 -7.29 -0.17 -4.76
C ALA A 13 -6.05 -0.88 -4.25
N ASN A 14 -5.85 -2.03 -4.82
CA ASN A 14 -4.67 -2.86 -4.52
C ASN A 14 -3.40 -2.04 -4.74
N PHE A 15 -3.34 -1.43 -5.88
CA PHE A 15 -2.17 -0.60 -6.26
C PHE A 15 -1.92 0.42 -5.16
N LEU A 16 -2.96 0.87 -4.56
CA LEU A 16 -2.85 1.89 -3.49
C LEU A 16 -2.81 1.28 -2.08
N VAL A 17 -3.72 0.41 -1.78
CA VAL A 17 -3.73 -0.20 -0.43
C VAL A 17 -2.46 -1.03 -0.26
N ARG A 18 -2.01 -1.63 -1.32
CA ARG A 18 -0.75 -2.41 -1.26
C ARG A 18 0.43 -1.43 -1.24
N SER A 19 0.17 -0.21 -1.64
CA SER A 19 1.25 0.83 -1.66
C SER A 19 1.84 1.00 -0.26
N SER A 20 1.14 0.53 0.74
CA SER A 20 1.64 0.66 2.15
C SER A 20 3.15 0.39 2.20
N ASN A 21 3.63 -0.52 1.40
CA ASN A 21 5.09 -0.82 1.41
C ASN A 21 5.87 0.29 0.70
N ASN A 22 5.70 0.41 -0.59
CA ASN A 22 6.43 1.48 -1.32
C ASN A 22 6.09 2.86 -0.76
N LEU A 23 4.89 3.02 -0.26
CA LEU A 23 4.51 4.34 0.31
C LEU A 23 5.35 4.66 1.55
N GLY A 24 5.19 3.92 2.60
CA GLY A 24 5.99 4.17 3.83
C GLY A 24 7.45 4.42 3.44
N PRO A 25 7.86 5.66 3.58
CA PRO A 25 9.26 6.02 3.24
C PRO A 25 10.25 5.17 4.02
N VAL A 26 10.26 5.29 5.31
CA VAL A 26 11.20 4.46 6.11
C VAL A 26 10.57 4.09 7.45
N LEU A 27 10.63 2.84 7.83
CA LEU A 27 10.03 2.42 9.12
C LEU A 27 10.23 0.91 9.35
N PRO A 28 10.94 0.59 10.39
CA PRO A 28 11.20 -0.82 10.72
C PRO A 28 9.91 -1.56 11.07
N PRO A 29 9.02 -0.88 11.76
CA PRO A 29 7.74 -1.50 12.15
C PRO A 29 7.21 -2.42 11.05
N THR A 30 6.65 -3.53 11.41
CA THR A 30 6.11 -4.47 10.38
C THR A 30 7.23 -4.98 9.48
N ASN A 31 8.23 -5.60 10.05
CA ASN A 31 9.35 -6.11 9.22
C ASN A 31 8.98 -7.47 8.62
N VAL A 32 9.20 -7.65 7.34
CA VAL A 32 8.84 -8.95 6.71
C VAL A 32 9.94 -9.99 6.99
N GLY A 33 11.16 -9.54 7.10
CA GLY A 33 12.27 -10.50 7.38
C GLY A 33 13.21 -10.54 6.17
N SER A 34 13.99 -9.51 5.99
CA SER A 34 14.93 -9.50 4.83
C SER A 34 16.37 -9.26 5.31
N ASN A 35 16.88 -10.15 6.12
CA ASN A 35 18.27 -9.98 6.64
C ASN A 35 19.23 -10.91 5.88
N THR A 36 20.47 -10.54 5.77
CA THR A 36 21.45 -11.41 5.06
C THR A 36 22.57 -11.84 6.01
N TYR A 37 23.43 -12.72 5.56
CA TYR A 37 24.54 -13.18 6.45
C TYR A 37 24.00 -13.49 7.86
N NH2 A 38 24.59 -12.97 8.89
HN1 NH2 A 38 25.38 -12.39 8.78
HN2 NH2 A 38 24.26 -13.16 9.80
N LYS A 1 -24.97 1.86 -11.15
CA LYS A 1 -24.72 1.30 -9.79
C LYS A 1 -23.25 0.93 -9.61
N CYS A 2 -22.69 0.24 -10.57
CA CYS A 2 -21.25 -0.14 -10.46
C CYS A 2 -20.37 0.83 -11.26
N ASN A 3 -20.95 1.88 -11.77
CA ASN A 3 -20.15 2.87 -12.56
C ASN A 3 -19.32 3.74 -11.60
N THR A 4 -19.50 3.59 -10.33
CA THR A 4 -18.71 4.41 -9.35
C THR A 4 -17.22 4.15 -9.52
N ALA A 5 -16.41 4.73 -8.68
CA ALA A 5 -14.94 4.50 -8.79
C ALA A 5 -14.55 3.18 -8.16
N THR A 6 -15.03 2.92 -6.98
CA THR A 6 -14.66 1.66 -6.28
C THR A 6 -14.89 0.46 -7.20
N CYS A 7 -15.98 0.39 -7.90
CA CYS A 7 -16.18 -0.75 -8.81
C CYS A 7 -14.91 -0.89 -9.66
N ALA A 8 -14.46 0.20 -10.22
CA ALA A 8 -13.21 0.19 -11.03
C ALA A 8 -12.00 0.13 -10.12
N THR A 9 -11.96 1.04 -9.21
CA THR A 9 -10.86 1.16 -8.24
C THR A 9 -10.72 -0.15 -7.44
N GLN A 10 -11.70 -0.98 -7.46
CA GLN A 10 -11.59 -2.24 -6.69
C GLN A 10 -10.27 -2.91 -7.06
N ARG A 11 -9.84 -2.76 -8.29
CA ARG A 11 -8.54 -3.37 -8.70
C ARG A 11 -7.36 -2.49 -8.29
N LEU A 12 -7.43 -1.20 -8.53
CA LEU A 12 -6.29 -0.32 -8.14
C LEU A 12 -6.30 -0.09 -6.65
N ALA A 13 -7.40 -0.26 -6.02
CA ALA A 13 -7.40 -0.08 -4.56
C ALA A 13 -6.16 -0.74 -4.02
N ASN A 14 -5.88 -1.86 -4.60
CA ASN A 14 -4.68 -2.65 -4.27
C ASN A 14 -3.43 -1.81 -4.51
N PHE A 15 -3.38 -1.21 -5.66
CA PHE A 15 -2.22 -0.37 -6.05
C PHE A 15 -1.99 0.67 -4.95
N LEU A 16 -3.03 1.11 -4.36
CA LEU A 16 -2.92 2.14 -3.30
C LEU A 16 -2.81 1.52 -1.91
N VAL A 17 -3.66 0.61 -1.57
CA VAL A 17 -3.58 -0.01 -0.22
C VAL A 17 -2.32 -0.87 -0.15
N ARG A 18 -1.97 -1.49 -1.23
CA ARG A 18 -0.72 -2.29 -1.26
C ARG A 18 0.45 -1.32 -1.42
N SER A 19 0.17 -0.14 -1.90
CA SER A 19 1.23 0.88 -2.10
C SER A 19 1.98 1.10 -0.78
N SER A 20 1.27 1.10 0.31
CA SER A 20 1.93 1.30 1.63
C SER A 20 3.22 0.49 1.70
N ASN A 21 3.30 -0.58 0.97
CA ASN A 21 4.53 -1.42 0.99
C ASN A 21 5.76 -0.56 0.67
N ASN A 22 5.77 0.06 -0.48
CA ASN A 22 6.93 0.92 -0.85
C ASN A 22 6.95 2.17 0.03
N LEU A 23 5.80 2.70 0.37
CA LEU A 23 5.75 3.91 1.22
C LEU A 23 6.61 3.72 2.48
N GLY A 24 6.33 2.70 3.25
CA GLY A 24 7.12 2.46 4.48
C GLY A 24 6.21 2.45 5.70
N PRO A 25 5.57 3.56 5.92
CA PRO A 25 4.64 3.71 7.07
C PRO A 25 3.66 2.54 7.11
N VAL A 26 3.04 2.33 8.25
CA VAL A 26 2.07 1.22 8.38
C VAL A 26 2.67 -0.08 7.82
N LEU A 27 3.52 -0.71 8.59
CA LEU A 27 4.14 -1.98 8.11
C LEU A 27 5.10 -2.53 9.18
N PRO A 28 4.53 -2.95 10.27
CA PRO A 28 5.34 -3.50 11.37
C PRO A 28 6.08 -4.75 10.90
N PRO A 29 5.38 -5.57 10.15
CA PRO A 29 6.00 -6.79 9.63
C PRO A 29 7.40 -6.51 9.08
N THR A 30 8.38 -7.27 9.51
CA THR A 30 9.76 -7.04 9.01
C THR A 30 10.06 -5.54 8.95
N ASN A 31 10.46 -4.96 10.04
CA ASN A 31 10.76 -3.49 10.04
C ASN A 31 12.02 -3.19 9.22
N VAL A 32 13.08 -3.94 9.42
CA VAL A 32 14.32 -3.69 8.66
C VAL A 32 14.67 -4.89 7.78
N GLY A 33 14.84 -6.05 8.37
CA GLY A 33 15.19 -7.25 7.57
C GLY A 33 14.25 -7.36 6.37
N SER A 34 14.74 -7.05 5.20
CA SER A 34 13.88 -7.13 3.99
C SER A 34 14.73 -7.34 2.73
N ASN A 35 14.12 -7.37 1.58
CA ASN A 35 14.90 -7.58 0.33
C ASN A 35 15.77 -8.83 0.44
N THR A 36 15.18 -9.99 0.29
CA THR A 36 15.99 -11.25 0.38
C THR A 36 17.11 -11.24 -0.65
N TYR A 37 16.77 -11.15 -1.91
CA TYR A 37 17.81 -11.13 -2.98
C TYR A 37 18.28 -9.69 -3.23
N NH2 A 38 19.20 -9.18 -2.47
HN1 NH2 A 38 19.59 -9.70 -1.74
HN2 NH2 A 38 19.51 -8.26 -2.63
N LYS A 1 -24.19 1.89 -7.05
CA LYS A 1 -24.01 1.17 -8.35
C LYS A 1 -22.52 0.99 -8.66
N CYS A 2 -22.18 0.69 -9.88
CA CYS A 2 -20.74 0.50 -10.24
C CYS A 2 -20.16 1.80 -10.79
N ASN A 3 -20.95 2.83 -10.87
CA ASN A 3 -20.44 4.13 -11.40
C ASN A 3 -19.46 4.75 -10.41
N THR A 4 -19.41 4.25 -9.21
CA THR A 4 -18.48 4.81 -8.19
C THR A 4 -17.04 4.39 -8.50
N ALA A 5 -16.09 5.14 -8.03
CA ALA A 5 -14.67 4.78 -8.28
C ALA A 5 -14.38 3.34 -7.89
N THR A 6 -14.87 2.95 -6.74
CA THR A 6 -14.60 1.57 -6.24
C THR A 6 -14.94 0.52 -7.30
N CYS A 7 -16.01 0.66 -8.02
CA CYS A 7 -16.30 -0.35 -9.08
C CYS A 7 -15.03 -0.53 -9.91
N ALA A 8 -14.50 0.56 -10.37
CA ALA A 8 -13.24 0.53 -11.16
C ALA A 8 -12.05 0.32 -10.24
N THR A 9 -11.97 1.16 -9.25
CA THR A 9 -10.87 1.14 -8.26
C THR A 9 -10.82 -0.20 -7.52
N GLN A 10 -11.86 -0.96 -7.57
CA GLN A 10 -11.84 -2.25 -6.85
C GLN A 10 -10.56 -3.01 -7.22
N ARG A 11 -10.09 -2.83 -8.42
CA ARG A 11 -8.84 -3.52 -8.84
C ARG A 11 -7.61 -2.71 -8.41
N LEU A 12 -7.60 -1.43 -8.64
CA LEU A 12 -6.43 -0.61 -8.23
C LEU A 12 -6.42 -0.41 -6.75
N ALA A 13 -7.54 -0.53 -6.12
CA ALA A 13 -7.56 -0.37 -4.66
C ALA A 13 -6.36 -1.08 -4.11
N ASN A 14 -6.07 -2.18 -4.74
CA ASN A 14 -4.91 -3.00 -4.39
C ASN A 14 -3.61 -2.23 -4.63
N PHE A 15 -3.53 -1.62 -5.77
CA PHE A 15 -2.33 -0.84 -6.17
C PHE A 15 -2.00 0.21 -5.11
N LEU A 16 -3.01 0.73 -4.51
CA LEU A 16 -2.82 1.78 -3.48
C LEU A 16 -2.70 1.21 -2.08
N VAL A 17 -3.65 0.42 -1.67
CA VAL A 17 -3.58 -0.16 -0.31
C VAL A 17 -2.29 -0.96 -0.19
N ARG A 18 -1.90 -1.58 -1.26
CA ARG A 18 -0.63 -2.36 -1.27
C ARG A 18 0.55 -1.39 -1.41
N SER A 19 0.27 -0.18 -1.80
CA SER A 19 1.36 0.83 -1.96
C SER A 19 2.04 1.11 -0.63
N SER A 20 1.35 0.88 0.46
CA SER A 20 1.95 1.15 1.80
C SER A 20 3.42 0.70 1.84
N ASN A 21 3.72 -0.42 1.25
CA ASN A 21 5.13 -0.92 1.27
C ASN A 21 6.12 0.23 1.03
N ASN A 22 6.25 0.66 -0.20
CA ASN A 22 7.20 1.78 -0.50
C ASN A 22 6.72 3.08 0.13
N LEU A 23 5.43 3.26 0.23
CA LEU A 23 4.89 4.51 0.84
C LEU A 23 5.33 4.62 2.30
N GLY A 24 5.21 3.56 3.05
CA GLY A 24 5.62 3.60 4.49
C GLY A 24 4.70 4.55 5.25
N PRO A 25 3.49 4.11 5.46
CA PRO A 25 2.50 4.93 6.19
C PRO A 25 2.79 4.92 7.70
N VAL A 26 2.22 4.00 8.41
CA VAL A 26 2.47 3.95 9.88
C VAL A 26 2.64 2.50 10.34
N LEU A 27 3.48 1.75 9.67
CA LEU A 27 3.69 0.34 10.07
C LEU A 27 4.69 0.25 11.23
N PRO A 28 4.18 -0.07 12.40
CA PRO A 28 5.01 -0.20 13.60
C PRO A 28 5.18 -1.68 14.02
N PRO A 29 5.01 -2.61 13.09
CA PRO A 29 5.13 -4.03 13.45
C PRO A 29 6.59 -4.50 13.35
N THR A 30 7.28 -4.58 14.45
CA THR A 30 8.71 -5.03 14.40
C THR A 30 9.07 -5.75 15.71
N ASN A 31 8.62 -6.96 15.88
CA ASN A 31 8.94 -7.70 17.13
C ASN A 31 9.99 -8.79 16.85
N VAL A 32 11.14 -8.42 16.39
CA VAL A 32 12.20 -9.43 16.10
C VAL A 32 13.21 -9.48 17.25
N GLY A 33 13.26 -8.45 18.04
CA GLY A 33 14.23 -8.42 19.17
C GLY A 33 14.63 -6.97 19.46
N SER A 34 14.63 -6.14 18.46
CA SER A 34 15.00 -4.71 18.67
C SER A 34 16.26 -4.61 19.53
N ASN A 35 16.63 -3.42 19.91
CA ASN A 35 17.86 -3.25 20.75
C ASN A 35 17.47 -2.67 22.11
N THR A 36 16.20 -2.50 22.36
CA THR A 36 15.76 -1.93 23.66
C THR A 36 16.64 -0.75 24.04
N TYR A 37 17.67 -0.97 24.82
CA TYR A 37 18.56 0.15 25.22
C TYR A 37 19.90 0.04 24.50
N NH2 A 38 19.95 -0.48 23.31
HN1 NH2 A 38 19.13 -0.81 22.88
HN2 NH2 A 38 20.80 -0.55 22.84
N LYS A 1 -25.06 0.13 -8.24
CA LYS A 1 -24.27 1.36 -7.89
C LYS A 1 -22.79 1.14 -8.20
N CYS A 2 -22.50 0.31 -9.16
CA CYS A 2 -21.06 0.05 -9.51
C CYS A 2 -20.57 1.11 -10.49
N ASN A 3 -21.35 2.12 -10.74
CA ASN A 3 -20.93 3.19 -11.69
C ASN A 3 -20.01 4.20 -10.98
N THR A 4 -19.55 3.88 -9.80
CA THR A 4 -18.65 4.82 -9.08
C THR A 4 -17.19 4.47 -9.33
N ALA A 5 -16.30 4.96 -8.51
CA ALA A 5 -14.85 4.65 -8.70
C ALA A 5 -14.51 3.28 -8.13
N THR A 6 -14.99 3.00 -6.96
CA THR A 6 -14.67 1.70 -6.31
C THR A 6 -14.95 0.53 -7.26
N CYS A 7 -16.05 0.54 -7.96
CA CYS A 7 -16.28 -0.60 -8.90
C CYS A 7 -15.02 -0.77 -9.75
N ALA A 8 -14.54 0.30 -10.30
CA ALA A 8 -13.28 0.26 -11.10
C ALA A 8 -12.08 0.15 -10.19
N THR A 9 -12.01 1.06 -9.27
CA THR A 9 -10.91 1.13 -8.29
C THR A 9 -10.80 -0.16 -7.47
N GLN A 10 -11.82 -0.95 -7.47
CA GLN A 10 -11.74 -2.20 -6.67
C GLN A 10 -10.45 -2.94 -7.03
N ARG A 11 -10.04 -2.83 -8.26
CA ARG A 11 -8.77 -3.51 -8.66
C ARG A 11 -7.55 -2.67 -8.29
N LEU A 12 -7.57 -1.38 -8.57
CA LEU A 12 -6.40 -0.52 -8.20
C LEU A 12 -6.39 -0.25 -6.73
N ALA A 13 -7.49 -0.37 -6.09
CA ALA A 13 -7.48 -0.14 -4.64
C ALA A 13 -6.26 -0.82 -4.08
N ASN A 14 -6.00 -1.95 -4.65
CA ASN A 14 -4.84 -2.76 -4.29
C ASN A 14 -3.56 -1.98 -4.58
N PHE A 15 -3.49 -1.42 -5.75
CA PHE A 15 -2.31 -0.63 -6.17
C PHE A 15 -2.00 0.44 -5.12
N LEU A 16 -3.03 0.96 -4.52
CA LEU A 16 -2.86 2.01 -3.50
C LEU A 16 -2.72 1.45 -2.09
N VAL A 17 -3.62 0.61 -1.69
CA VAL A 17 -3.52 0.04 -0.32
C VAL A 17 -2.25 -0.80 -0.24
N ARG A 18 -1.90 -1.45 -1.30
CA ARG A 18 -0.66 -2.24 -1.32
C ARG A 18 0.53 -1.29 -1.41
N SER A 19 0.26 -0.06 -1.78
CA SER A 19 1.34 0.96 -1.89
C SER A 19 2.12 1.02 -0.58
N SER A 20 1.48 0.72 0.51
CA SER A 20 2.17 0.76 1.84
C SER A 20 3.59 0.21 1.71
N ASN A 21 3.76 -0.83 0.94
CA ASN A 21 5.12 -1.42 0.76
C ASN A 21 6.15 -0.30 0.56
N ASN A 22 5.77 0.73 -0.17
CA ASN A 22 6.72 1.87 -0.40
C ASN A 22 6.88 2.69 0.88
N LEU A 23 5.92 2.62 1.77
CA LEU A 23 6.03 3.41 3.03
C LEU A 23 5.74 2.52 4.26
N GLY A 24 6.06 1.26 4.19
CA GLY A 24 5.80 0.37 5.35
C GLY A 24 6.33 -1.04 5.06
N PRO A 25 5.43 -1.93 4.73
CA PRO A 25 5.80 -3.33 4.43
C PRO A 25 6.97 -3.36 3.44
N VAL A 26 7.75 -4.40 3.48
CA VAL A 26 8.91 -4.50 2.55
C VAL A 26 9.72 -3.20 2.58
N LEU A 27 10.44 -2.95 3.64
CA LEU A 27 11.24 -1.70 3.72
C LEU A 27 12.21 -1.76 4.91
N PRO A 28 13.36 -2.33 4.66
CA PRO A 28 14.39 -2.45 5.71
C PRO A 28 14.84 -1.06 6.17
N PRO A 29 14.99 -0.16 5.23
CA PRO A 29 15.42 1.21 5.57
C PRO A 29 14.74 1.70 6.85
N THR A 30 15.51 2.11 7.82
CA THR A 30 14.90 2.60 9.10
C THR A 30 15.19 4.09 9.27
N ASN A 31 14.72 4.67 10.35
CA ASN A 31 14.96 6.12 10.59
C ASN A 31 16.37 6.33 11.17
N VAL A 32 16.89 7.52 11.08
CA VAL A 32 18.25 7.80 11.62
C VAL A 32 18.16 8.40 13.02
N GLY A 33 17.06 9.01 13.36
CA GLY A 33 16.92 9.62 14.70
C GLY A 33 15.44 9.79 15.05
N SER A 34 14.59 8.97 14.49
CA SER A 34 13.13 9.08 14.78
C SER A 34 12.61 10.45 14.36
N ASN A 35 11.49 10.48 13.68
CA ASN A 35 10.91 11.78 13.23
C ASN A 35 9.41 11.64 12.99
N THR A 36 8.66 12.69 13.19
CA THR A 36 7.19 12.61 12.97
C THR A 36 6.72 13.78 12.08
N TYR A 37 5.98 14.70 12.63
CA TYR A 37 5.49 15.85 11.80
C TYR A 37 6.67 16.48 11.03
N NH2 A 38 6.61 16.54 9.73
HN1 NH2 A 38 5.82 16.19 9.26
HN2 NH2 A 38 7.35 16.94 9.23
N LYS A 1 -14.85 0.43 -14.59
CA LYS A 1 -15.80 1.40 -13.97
C LYS A 1 -17.24 1.07 -14.36
N CYS A 2 -17.94 0.31 -13.56
CA CYS A 2 -19.34 -0.04 -13.90
C CYS A 2 -20.28 1.09 -13.44
N ASN A 3 -20.01 1.68 -12.31
CA ASN A 3 -20.89 2.77 -11.81
C ASN A 3 -20.06 3.88 -11.16
N THR A 4 -19.49 3.61 -10.01
CA THR A 4 -18.67 4.64 -9.32
C THR A 4 -17.18 4.33 -9.46
N ALA A 5 -16.37 4.83 -8.56
CA ALA A 5 -14.91 4.56 -8.65
C ALA A 5 -14.56 3.22 -8.03
N THR A 6 -15.04 2.96 -6.85
CA THR A 6 -14.70 1.68 -6.17
C THR A 6 -14.98 0.49 -7.09
N CYS A 7 -16.07 0.48 -7.79
CA CYS A 7 -16.32 -0.67 -8.72
C CYS A 7 -15.06 -0.84 -9.57
N ALA A 8 -14.59 0.24 -10.13
CA ALA A 8 -13.35 0.20 -10.96
C ALA A 8 -12.13 0.10 -10.06
N THR A 9 -12.07 1.01 -9.15
CA THR A 9 -10.96 1.10 -8.18
C THR A 9 -10.82 -0.21 -7.40
N GLN A 10 -11.82 -1.03 -7.42
CA GLN A 10 -11.71 -2.30 -6.67
C GLN A 10 -10.40 -2.99 -7.05
N ARG A 11 -9.98 -2.84 -8.28
CA ARG A 11 -8.70 -3.47 -8.71
C ARG A 11 -7.49 -2.59 -8.33
N LEU A 12 -7.56 -1.30 -8.57
CA LEU A 12 -6.41 -0.42 -8.20
C LEU A 12 -6.37 -0.21 -6.72
N ALA A 13 -7.46 -0.38 -6.06
CA ALA A 13 -7.43 -0.21 -4.60
C ALA A 13 -6.17 -0.86 -4.10
N ASN A 14 -5.88 -1.97 -4.70
CA ASN A 14 -4.67 -2.74 -4.40
C ASN A 14 -3.42 -1.90 -4.69
N PHE A 15 -3.42 -1.30 -5.84
CA PHE A 15 -2.27 -0.46 -6.28
C PHE A 15 -1.97 0.59 -5.22
N LEU A 16 -2.98 1.05 -4.57
CA LEU A 16 -2.80 2.10 -3.54
C LEU A 16 -2.61 1.51 -2.15
N VAL A 17 -3.47 0.62 -1.74
CA VAL A 17 -3.32 0.03 -0.39
C VAL A 17 -2.04 -0.80 -0.35
N ARG A 18 -1.75 -1.44 -1.44
CA ARG A 18 -0.49 -2.23 -1.53
C ARG A 18 0.66 -1.26 -1.79
N SER A 19 0.32 -0.08 -2.28
CA SER A 19 1.37 0.95 -2.57
C SER A 19 2.08 1.34 -1.27
N SER A 20 1.36 1.38 -0.18
CA SER A 20 1.99 1.77 1.11
C SER A 20 3.10 0.78 1.49
N ASN A 21 3.16 -0.34 0.80
CA ASN A 21 4.22 -1.35 1.11
C ASN A 21 5.55 -0.64 1.36
N ASN A 22 6.05 0.09 0.40
CA ASN A 22 7.35 0.79 0.58
C ASN A 22 7.24 1.78 1.75
N LEU A 23 6.12 2.44 1.88
CA LEU A 23 5.97 3.42 3.00
C LEU A 23 5.85 2.68 4.34
N GLY A 24 4.94 1.76 4.44
CA GLY A 24 4.79 1.01 5.71
C GLY A 24 4.13 1.91 6.76
N PRO A 25 3.05 2.53 6.37
CA PRO A 25 2.31 3.43 7.28
C PRO A 25 1.90 2.67 8.54
N VAL A 26 2.11 3.26 9.69
CA VAL A 26 1.74 2.57 10.96
C VAL A 26 2.56 1.29 11.12
N LEU A 27 2.29 0.28 10.33
CA LEU A 27 3.06 -0.99 10.44
C LEU A 27 4.53 -0.74 10.08
N PRO A 28 5.36 -0.81 11.09
CA PRO A 28 6.81 -0.60 10.90
C PRO A 28 7.41 -1.68 9.99
N PRO A 29 6.96 -2.91 10.17
CA PRO A 29 7.48 -4.01 9.36
C PRO A 29 7.72 -3.59 7.92
N THR A 30 8.70 -4.17 7.28
CA THR A 30 8.99 -3.79 5.86
C THR A 30 9.18 -2.28 5.73
N ASN A 31 10.40 -1.83 5.73
CA ASN A 31 10.66 -0.36 5.60
C ASN A 31 12.02 -0.11 4.95
N VAL A 32 12.37 -0.92 3.98
CA VAL A 32 13.69 -0.74 3.30
C VAL A 32 13.86 0.72 2.85
N GLY A 33 12.77 1.44 2.73
CA GLY A 33 12.88 2.86 2.30
C GLY A 33 14.03 3.55 3.04
N SER A 34 15.19 3.60 2.44
CA SER A 34 16.35 4.25 3.11
C SER A 34 16.67 5.58 2.42
N ASN A 35 17.79 6.17 2.74
CA ASN A 35 18.15 7.47 2.09
C ASN A 35 19.32 7.27 1.11
N THR A 36 19.36 8.06 0.08
CA THR A 36 20.47 7.91 -0.91
C THR A 36 21.77 8.47 -0.35
N TYR A 37 22.88 7.88 -0.67
CA TYR A 37 24.19 8.38 -0.15
C TYR A 37 24.22 9.91 -0.18
N NH2 A 38 23.69 10.54 -1.19
HN1 NH2 A 38 23.28 10.04 -1.91
HN2 NH2 A 38 23.71 11.52 -1.22
N LYS A 1 -24.70 1.88 -10.09
CA LYS A 1 -24.18 0.53 -9.65
C LYS A 1 -22.65 0.50 -9.75
N CYS A 2 -22.13 0.35 -10.93
CA CYS A 2 -20.65 0.30 -11.10
C CYS A 2 -20.12 1.67 -11.55
N ASN A 3 -20.99 2.60 -11.78
CA ASN A 3 -20.54 3.95 -12.24
C ASN A 3 -19.60 4.58 -11.19
N THR A 4 -19.64 4.11 -9.97
CA THR A 4 -18.76 4.68 -8.91
C THR A 4 -17.29 4.32 -9.20
N ALA A 5 -16.38 4.94 -8.50
CA ALA A 5 -14.93 4.65 -8.74
C ALA A 5 -14.55 3.31 -8.12
N THR A 6 -15.02 3.05 -6.94
CA THR A 6 -14.66 1.78 -6.25
C THR A 6 -14.93 0.59 -7.17
N CYS A 7 -16.03 0.56 -7.87
CA CYS A 7 -16.26 -0.59 -8.78
C CYS A 7 -15.00 -0.76 -9.64
N ALA A 8 -14.53 0.32 -10.20
CA ALA A 8 -13.29 0.27 -11.02
C ALA A 8 -12.07 0.18 -10.12
N THR A 9 -12.02 1.09 -9.21
CA THR A 9 -10.90 1.18 -8.25
C THR A 9 -10.79 -0.14 -7.45
N GLN A 10 -11.80 -0.93 -7.46
CA GLN A 10 -11.72 -2.20 -6.70
C GLN A 10 -10.43 -2.92 -7.09
N ARG A 11 -10.01 -2.78 -8.31
CA ARG A 11 -8.75 -3.46 -8.74
C ARG A 11 -7.53 -2.61 -8.36
N LEU A 12 -7.56 -1.33 -8.60
CA LEU A 12 -6.39 -0.48 -8.23
C LEU A 12 -6.35 -0.25 -6.75
N ALA A 13 -7.45 -0.40 -6.09
CA ALA A 13 -7.41 -0.22 -4.64
C ALA A 13 -6.18 -0.91 -4.12
N ASN A 14 -5.92 -2.02 -4.72
CA ASN A 14 -4.73 -2.83 -4.41
C ASN A 14 -3.47 -2.02 -4.67
N PHE A 15 -3.42 -1.42 -5.82
CA PHE A 15 -2.26 -0.60 -6.23
C PHE A 15 -1.96 0.43 -5.16
N LEU A 16 -2.98 0.91 -4.52
CA LEU A 16 -2.80 1.93 -3.47
C LEU A 16 -2.68 1.32 -2.08
N VAL A 17 -3.59 0.46 -1.71
CA VAL A 17 -3.52 -0.14 -0.35
C VAL A 17 -2.24 -0.97 -0.27
N ARG A 18 -1.88 -1.59 -1.34
CA ARG A 18 -0.62 -2.38 -1.36
C ARG A 18 0.56 -1.42 -1.50
N SER A 19 0.28 -0.19 -1.85
CA SER A 19 1.36 0.82 -2.00
C SER A 19 2.06 1.07 -0.67
N SER A 20 1.33 0.94 0.41
CA SER A 20 1.94 1.18 1.75
C SER A 20 3.33 0.55 1.86
N ASN A 21 3.56 -0.54 1.17
CA ASN A 21 4.90 -1.19 1.24
C ASN A 21 6.00 -0.18 0.88
N ASN A 22 5.79 0.57 -0.16
CA ASN A 22 6.84 1.58 -0.56
C ASN A 22 7.01 2.62 0.54
N LEU A 23 5.99 2.86 1.31
CA LEU A 23 6.10 3.87 2.41
C LEU A 23 6.66 3.21 3.68
N GLY A 24 6.12 2.10 4.06
CA GLY A 24 6.62 1.41 5.29
C GLY A 24 6.49 2.36 6.49
N PRO A 25 5.30 2.42 7.03
CA PRO A 25 5.04 3.28 8.20
C PRO A 25 5.95 2.89 9.36
N VAL A 26 6.26 1.63 9.48
CA VAL A 26 7.16 1.19 10.58
C VAL A 26 8.32 0.38 10.00
N LEU A 27 8.91 0.85 8.94
CA LEU A 27 10.05 0.12 8.32
C LEU A 27 11.05 -0.32 9.41
N PRO A 28 11.24 -1.60 9.51
CA PRO A 28 12.17 -2.16 10.52
C PRO A 28 13.60 -1.70 10.21
N PRO A 29 13.95 -1.65 8.95
CA PRO A 29 15.31 -1.24 8.56
C PRO A 29 15.81 -0.07 9.41
N THR A 30 17.08 0.24 9.30
CA THR A 30 17.65 1.36 10.09
C THR A 30 16.66 2.54 10.16
N ASN A 31 16.73 3.33 11.19
CA ASN A 31 15.79 4.48 11.32
C ASN A 31 16.08 5.53 10.25
N VAL A 32 15.38 6.63 10.28
CA VAL A 32 15.60 7.71 9.27
C VAL A 32 17.11 7.93 9.06
N GLY A 33 17.88 7.79 10.10
CA GLY A 33 19.35 8.01 9.96
C GLY A 33 20.05 7.83 11.31
N SER A 34 21.32 7.56 11.29
CA SER A 34 22.08 7.37 12.57
C SER A 34 23.52 6.94 12.26
N ASN A 35 24.48 7.68 12.73
CA ASN A 35 25.90 7.30 12.45
C ASN A 35 26.79 7.57 13.67
N THR A 36 26.32 7.22 14.84
CA THR A 36 27.14 7.45 16.07
C THR A 36 26.41 6.92 17.31
N TYR A 37 25.88 5.73 17.23
CA TYR A 37 25.15 5.16 18.39
C TYR A 37 25.16 3.63 18.34
N NH2 A 38 25.66 2.96 19.33
HN1 NH2 A 38 26.02 3.43 20.11
HN2 NH2 A 38 25.66 1.97 19.30
N LYS A 1 -25.15 2.04 -10.34
CA LYS A 1 -24.77 1.09 -9.26
C LYS A 1 -23.26 0.83 -9.29
N CYS A 2 -22.76 0.25 -10.36
CA CYS A 2 -21.30 -0.03 -10.44
C CYS A 2 -20.60 1.05 -11.27
N ASN A 3 -21.31 2.08 -11.65
CA ASN A 3 -20.67 3.15 -12.47
C ASN A 3 -19.96 4.16 -11.56
N THR A 4 -19.28 3.69 -10.55
CA THR A 4 -18.55 4.62 -9.63
C THR A 4 -17.06 4.35 -9.70
N ALA A 5 -16.29 4.88 -8.78
CA ALA A 5 -14.82 4.65 -8.80
C ALA A 5 -14.48 3.31 -8.15
N THR A 6 -14.98 3.08 -6.98
CA THR A 6 -14.66 1.81 -6.28
C THR A 6 -14.92 0.61 -7.17
N CYS A 7 -16.00 0.58 -7.90
CA CYS A 7 -16.22 -0.59 -8.81
C CYS A 7 -14.97 -0.74 -9.67
N ALA A 8 -14.52 0.35 -10.23
CA ALA A 8 -13.27 0.32 -11.07
C ALA A 8 -12.07 0.21 -10.17
N THR A 9 -12.00 1.13 -9.26
CA THR A 9 -10.90 1.20 -8.28
C THR A 9 -10.79 -0.12 -7.49
N GLN A 10 -11.80 -0.91 -7.53
CA GLN A 10 -11.74 -2.19 -6.78
C GLN A 10 -10.45 -2.92 -7.15
N ARG A 11 -10.00 -2.77 -8.36
CA ARG A 11 -8.74 -3.44 -8.77
C ARG A 11 -7.52 -2.60 -8.36
N LEU A 12 -7.53 -1.31 -8.59
CA LEU A 12 -6.37 -0.48 -8.20
C LEU A 12 -6.37 -0.24 -6.72
N ALA A 13 -7.49 -0.37 -6.09
CA ALA A 13 -7.49 -0.19 -4.63
C ALA A 13 -6.27 -0.89 -4.08
N ASN A 14 -6.04 -2.02 -4.66
CA ASN A 14 -4.87 -2.84 -4.31
C ASN A 14 -3.58 -2.06 -4.55
N PHE A 15 -3.50 -1.46 -5.70
CA PHE A 15 -2.31 -0.65 -6.09
C PHE A 15 -2.03 0.38 -5.01
N LEU A 16 -3.05 0.89 -4.42
CA LEU A 16 -2.90 1.92 -3.38
C LEU A 16 -2.80 1.35 -1.98
N VAL A 17 -3.71 0.51 -1.59
CA VAL A 17 -3.65 -0.07 -0.23
C VAL A 17 -2.40 -0.94 -0.12
N ARG A 18 -2.06 -1.60 -1.17
CA ARG A 18 -0.82 -2.43 -1.17
C ARG A 18 0.39 -1.51 -1.34
N SER A 19 0.14 -0.28 -1.71
CA SER A 19 1.25 0.69 -1.90
C SER A 19 2.04 0.85 -0.61
N SER A 20 1.44 0.52 0.51
CA SER A 20 2.15 0.65 1.81
C SER A 20 3.61 0.21 1.69
N ASN A 21 3.90 -0.68 0.78
CA ASN A 21 5.31 -1.14 0.61
C ASN A 21 6.26 0.05 0.58
N ASN A 22 6.11 0.93 -0.37
CA ASN A 22 7.01 2.11 -0.45
C ASN A 22 6.73 3.08 0.70
N LEU A 23 5.51 3.14 1.16
CA LEU A 23 5.18 4.06 2.28
C LEU A 23 6.23 3.94 3.39
N GLY A 24 6.59 2.73 3.75
CA GLY A 24 7.60 2.55 4.83
C GLY A 24 7.38 1.20 5.52
N PRO A 25 6.45 1.19 6.43
CA PRO A 25 6.12 -0.04 7.18
C PRO A 25 5.90 -1.21 6.22
N VAL A 26 6.03 -2.41 6.72
CA VAL A 26 5.84 -3.61 5.85
C VAL A 26 6.82 -3.59 4.67
N LEU A 27 7.44 -4.70 4.38
CA LEU A 27 8.40 -4.75 3.24
C LEU A 27 8.95 -6.17 3.07
N PRO A 28 8.63 -6.77 1.95
CA PRO A 28 9.09 -8.14 1.66
C PRO A 28 10.62 -8.17 1.59
N PRO A 29 11.20 -7.16 0.98
CA PRO A 29 12.66 -7.10 0.86
C PRO A 29 13.33 -7.54 2.17
N THR A 30 14.27 -8.44 2.08
CA THR A 30 14.96 -8.91 3.32
C THR A 30 15.74 -7.76 3.96
N ASN A 31 16.48 -8.03 4.99
CA ASN A 31 17.27 -6.96 5.67
C ASN A 31 18.76 -7.11 5.33
N VAL A 32 19.06 -7.77 4.25
CA VAL A 32 20.49 -7.94 3.86
C VAL A 32 20.99 -6.74 3.08
N GLY A 33 20.09 -6.00 2.46
CA GLY A 33 20.51 -4.81 1.67
C GLY A 33 21.46 -5.23 0.55
N SER A 34 21.08 -6.22 -0.21
CA SER A 34 21.96 -6.69 -1.32
C SER A 34 23.25 -7.29 -0.77
N ASN A 35 23.79 -8.28 -1.43
CA ASN A 35 25.05 -8.91 -0.94
C ASN A 35 25.57 -9.91 -1.97
N THR A 36 26.87 -10.01 -2.09
CA THR A 36 27.43 -10.98 -3.08
C THR A 36 26.74 -12.34 -2.93
N TYR A 37 27.00 -13.25 -3.83
CA TYR A 37 26.36 -14.59 -3.73
C TYR A 37 26.85 -15.32 -2.49
N NH2 A 38 26.36 -16.51 -2.21
HN1 NH2 A 38 25.70 -16.91 -2.81
HN2 NH2 A 38 26.66 -16.98 -1.41
#